data_4ZI9
#
_entry.id   4ZI9
#
_cell.length_a   67.751
_cell.length_b   63.687
_cell.length_c   107.486
_cell.angle_alpha   90.00
_cell.angle_beta   99.69
_cell.angle_gamma   90.00
#
_symmetry.space_group_name_H-M   'P 1 21 1'
#
loop_
_entity.id
_entity.type
_entity.pdbx_description
1 polymer 'MCG133388, isoform CRA_t'
2 non-polymer 'CALCIUM ION'
3 water water
#
_entity_poly.entity_id   1
_entity_poly.type   'polypeptide(L)'
_entity_poly.pdbx_seq_one_letter_code
;MGNIRYSVPEETDKGSFVGSIAKDLGLETRELMERGIRIVSRGRSQLFSLNPRSGSLVTAGRIDREELCAQSTPCVVSFN
ILMEDEMKLLPIEVEIIDINDNTPQFQLEELELKMSEITTPGTRIPLPLGQDLDVGINSLQSYQLSANPHFSLDVQQGPE
GPQQPEMVLQRPLDREKDAVHYLVLTASDGGSPIHSGTLQIHVQVVDVNDNPPAFTKAEYHVSVPENVPLGTRLLKVNAT
DPDEGANGRVTYSFHKVDHSVVRKFQLDAYTGELSNKEPLDFEEYKVYPMEIQAQDGAGLMARAKVLVTVLDHHHHHH
;
_entity_poly.pdbx_strand_id   A,B
#
loop_
_chem_comp.id
_chem_comp.type
_chem_comp.name
_chem_comp.formula
CA non-polymer 'CALCIUM ION' 'Ca 2'
#
# COMPACT_ATOMS: atom_id res chain seq x y z
N ASN A 3 25.19 -9.91 70.64
CA ASN A 3 24.10 -9.59 69.71
C ASN A 3 23.39 -10.86 69.19
N ILE A 4 22.07 -10.87 69.29
CA ILE A 4 21.28 -12.05 68.95
C ILE A 4 20.54 -11.90 67.61
N ARG A 5 20.73 -12.87 66.71
CA ARG A 5 20.08 -12.81 65.40
C ARG A 5 19.23 -14.05 65.14
N TYR A 6 17.95 -13.83 64.86
CA TYR A 6 17.06 -14.90 64.44
C TYR A 6 16.60 -14.69 62.99
N SER A 7 15.93 -15.71 62.45
CA SER A 7 15.35 -15.69 61.11
C SER A 7 13.96 -16.26 61.13
N VAL A 8 13.11 -15.74 60.25
CA VAL A 8 11.80 -16.33 60.06
C VAL A 8 11.31 -15.94 58.66
N PRO A 9 10.63 -16.87 57.99
CA PRO A 9 10.01 -16.52 56.71
C PRO A 9 8.82 -15.59 56.95
N GLU A 10 8.59 -14.66 56.04
CA GLU A 10 7.38 -13.86 56.04
C GLU A 10 6.14 -14.77 55.92
N GLU A 11 4.99 -14.22 56.30
CA GLU A 11 3.67 -14.84 56.12
C GLU A 11 3.42 -16.14 56.91
N THR A 12 4.17 -16.40 57.98
CA THR A 12 3.83 -17.52 58.86
C THR A 12 2.56 -17.19 59.63
N ASP A 13 1.90 -18.22 60.16
CA ASP A 13 0.75 -18.04 61.03
C ASP A 13 1.17 -17.33 62.31
N LYS A 14 0.26 -16.52 62.88
CA LYS A 14 0.50 -15.89 64.14
C LYS A 14 0.90 -16.94 65.21
N GLY A 15 1.88 -16.59 66.04
CA GLY A 15 2.31 -17.45 67.11
C GLY A 15 3.39 -18.42 66.67
N SER A 16 3.84 -18.29 65.42
CA SER A 16 4.95 -19.13 64.95
C SER A 16 6.23 -18.86 65.74
N PHE A 17 6.97 -19.94 66.06
CA PHE A 17 8.20 -19.85 66.83
C PHE A 17 9.31 -19.14 66.08
N VAL A 18 9.95 -18.19 66.75
CA VAL A 18 11.10 -17.52 66.17
C VAL A 18 12.38 -17.91 66.90
N GLY A 19 12.35 -17.95 68.24
CA GLY A 19 13.57 -18.26 68.96
C GLY A 19 13.38 -18.21 70.45
N SER A 20 14.34 -18.76 71.19
CA SER A 20 14.25 -18.75 72.64
C SER A 20 15.34 -17.88 73.23
N ILE A 21 14.93 -16.78 73.85
CA ILE A 21 15.87 -15.84 74.47
C ILE A 21 16.60 -16.50 75.63
N ALA A 22 15.88 -17.34 76.38
CA ALA A 22 16.48 -18.04 77.51
C ALA A 22 17.58 -18.97 77.02
N LYS A 23 17.34 -19.65 75.91
CA LYS A 23 18.35 -20.55 75.37
C LYS A 23 19.63 -19.80 75.02
N ASP A 24 19.48 -18.67 74.33
CA ASP A 24 20.64 -17.94 73.81
C ASP A 24 21.31 -17.03 74.86
N LEU A 25 20.75 -17.01 76.06
CA LEU A 25 21.39 -16.34 77.18
C LEU A 25 21.85 -17.37 78.21
N GLY A 26 21.53 -18.63 77.93
CA GLY A 26 21.87 -19.73 78.83
C GLY A 26 21.18 -19.64 80.18
N LEU A 27 19.89 -19.31 80.16
CA LEU A 27 19.12 -19.16 81.40
C LEU A 27 17.99 -20.16 81.55
N GLU A 28 17.73 -20.56 82.79
CA GLU A 28 16.61 -21.45 83.11
C GLU A 28 15.32 -20.66 83.37
N THR A 29 14.38 -21.28 84.09
CA THR A 29 13.08 -20.65 84.35
C THR A 29 13.20 -19.56 85.42
N ARG A 30 13.67 -19.96 86.61
CA ARG A 30 13.77 -19.05 87.74
C ARG A 30 14.70 -17.90 87.42
N GLU A 31 15.82 -18.24 86.79
CA GLU A 31 16.80 -17.23 86.36
C GLU A 31 16.14 -16.19 85.49
N LEU A 32 15.40 -16.67 84.50
CA LEU A 32 14.78 -15.81 83.51
C LEU A 32 13.78 -14.83 84.11
N MET A 33 12.90 -15.33 84.96
CA MET A 33 11.85 -14.49 85.51
C MET A 33 12.38 -13.38 86.43
N GLU A 34 13.28 -13.75 87.33
CA GLU A 34 13.87 -12.80 88.26
C GLU A 34 14.51 -11.62 87.54
N ARG A 35 15.00 -11.87 86.33
CA ARG A 35 15.70 -10.88 85.55
C ARG A 35 14.76 -9.97 84.76
N GLY A 36 13.48 -10.31 84.75
CA GLY A 36 12.43 -9.42 84.25
C GLY A 36 12.63 -8.90 82.83
N ILE A 37 12.49 -9.77 81.84
CA ILE A 37 12.70 -9.36 80.45
C ILE A 37 11.44 -8.82 79.80
N ARG A 38 11.60 -7.84 78.92
CA ARG A 38 10.51 -7.38 78.07
C ARG A 38 11.02 -6.58 76.86
N ILE A 39 10.26 -6.63 75.78
CA ILE A 39 10.58 -5.88 74.57
C ILE A 39 10.31 -4.40 74.80
N VAL A 40 11.27 -3.58 74.40
CA VAL A 40 11.07 -2.14 74.34
C VAL A 40 10.35 -1.81 73.04
N SER A 41 9.13 -1.30 73.16
CA SER A 41 8.30 -1.05 71.99
C SER A 41 8.91 0.04 71.10
N ARG A 42 9.10 -0.29 69.83
CA ARG A 42 9.57 0.66 68.83
C ARG A 42 9.34 0.06 67.45
N GLY A 43 9.07 0.91 66.46
CA GLY A 43 8.95 0.45 65.09
C GLY A 43 8.04 -0.76 64.94
N ARG A 44 8.58 -1.82 64.37
CA ARG A 44 7.81 -3.01 64.05
C ARG A 44 7.97 -4.10 65.12
N SER A 45 8.41 -3.73 66.32
CA SER A 45 8.62 -4.71 67.38
C SER A 45 7.33 -5.47 67.73
N GLN A 46 6.19 -4.83 67.46
CA GLN A 46 4.89 -5.42 67.78
C GLN A 46 4.54 -6.56 66.84
N LEU A 47 5.41 -6.80 65.85
CA LEU A 47 5.28 -7.98 65.02
C LEU A 47 5.68 -9.27 65.76
N PHE A 48 6.32 -9.11 66.92
CA PHE A 48 6.81 -10.23 67.70
C PHE A 48 6.28 -10.15 69.12
N SER A 49 6.16 -11.31 69.76
CA SER A 49 5.70 -11.36 71.13
C SER A 49 6.68 -12.16 71.99
N LEU A 50 7.07 -11.60 73.12
CA LEU A 50 8.02 -12.25 74.01
C LEU A 50 7.35 -12.76 75.26
N ASN A 51 7.48 -14.05 75.53
CA ASN A 51 6.92 -14.59 76.74
C ASN A 51 7.93 -14.41 77.88
N PRO A 52 7.58 -13.62 78.89
CA PRO A 52 8.56 -13.29 79.95
C PRO A 52 8.78 -14.42 80.97
N ARG A 53 8.10 -15.54 80.80
CA ARG A 53 8.25 -16.66 81.75
C ARG A 53 9.08 -17.75 81.13
N SER A 54 8.83 -18.00 79.85
CA SER A 54 9.51 -19.06 79.13
C SER A 54 10.63 -18.52 78.25
N GLY A 55 10.54 -17.24 77.91
CA GLY A 55 11.55 -16.62 77.07
C GLY A 55 11.38 -16.85 75.59
N SER A 56 10.28 -17.48 75.18
CA SER A 56 10.04 -17.70 73.75
C SER A 56 9.74 -16.39 73.01
N LEU A 57 10.27 -16.29 71.81
CA LEU A 57 9.91 -15.23 70.89
C LEU A 57 9.08 -15.80 69.72
N VAL A 58 7.85 -15.31 69.57
CA VAL A 58 6.97 -15.78 68.49
C VAL A 58 6.48 -14.62 67.65
N THR A 59 5.88 -14.93 66.49
CA THR A 59 5.32 -13.86 65.66
C THR A 59 4.01 -13.44 66.32
N ALA A 60 3.64 -12.18 66.15
CA ALA A 60 2.45 -11.63 66.80
C ALA A 60 1.39 -11.19 65.80
N GLY A 61 1.73 -11.17 64.52
CA GLY A 61 0.82 -10.65 63.50
C GLY A 61 1.35 -10.96 62.12
N ARG A 62 0.67 -10.46 61.09
CA ARG A 62 1.12 -10.75 59.74
C ARG A 62 2.47 -10.07 59.49
N ILE A 63 3.47 -10.85 59.08
CA ILE A 63 4.73 -10.26 58.64
C ILE A 63 4.86 -10.41 57.12
N ASP A 64 4.73 -9.30 56.40
CA ASP A 64 4.83 -9.29 54.95
C ASP A 64 6.10 -8.56 54.54
N ARG A 65 7.09 -9.31 54.04
CA ARG A 65 8.38 -8.75 53.64
C ARG A 65 8.24 -7.67 52.57
N GLU A 66 7.27 -7.85 51.69
CA GLU A 66 7.08 -6.88 50.63
C GLU A 66 6.67 -5.53 51.22
N GLU A 67 5.74 -5.56 52.17
CA GLU A 67 5.32 -4.32 52.82
C GLU A 67 6.44 -3.66 53.63
N LEU A 68 7.25 -4.47 54.31
CA LEU A 68 8.27 -3.92 55.23
C LEU A 68 9.49 -3.35 54.51
N CYS A 69 9.92 -4.02 53.44
CA CYS A 69 11.23 -3.77 52.86
C CYS A 69 11.19 -3.55 51.32
N ALA A 70 10.03 -3.79 50.70
CA ALA A 70 9.88 -3.68 49.25
C ALA A 70 11.01 -4.39 48.50
N GLN A 71 11.86 -3.63 47.81
CA GLN A 71 12.92 -4.22 47.01
C GLN A 71 14.30 -4.29 47.72
N SER A 72 14.39 -3.76 48.93
CA SER A 72 15.66 -3.78 49.67
C SER A 72 16.01 -5.16 50.23
N THR A 73 17.31 -5.41 50.37
CA THR A 73 17.83 -6.69 50.83
C THR A 73 19.05 -6.43 51.72
N PRO A 74 19.13 -7.10 52.89
CA PRO A 74 18.15 -8.03 53.47
C PRO A 74 17.06 -7.28 54.22
N CYS A 75 16.09 -8.01 54.76
CA CYS A 75 15.00 -7.43 55.53
C CYS A 75 15.17 -7.77 56.99
N VAL A 76 15.56 -6.79 57.79
CA VAL A 76 15.79 -7.07 59.21
C VAL A 76 14.93 -6.21 60.12
N VAL A 77 14.27 -6.84 61.08
CA VAL A 77 13.55 -6.11 62.11
C VAL A 77 14.39 -6.09 63.39
N SER A 78 14.66 -4.90 63.89
CA SER A 78 15.52 -4.69 65.06
C SER A 78 14.77 -4.13 66.25
N PHE A 79 15.07 -4.65 67.44
CA PHE A 79 14.50 -4.09 68.65
C PHE A 79 15.36 -4.44 69.86
N ASN A 80 15.10 -3.79 70.97
CA ASN A 80 15.81 -4.11 72.20
C ASN A 80 14.97 -4.91 73.18
N ILE A 81 15.62 -5.81 73.89
CA ILE A 81 14.98 -6.44 75.03
C ILE A 81 15.61 -5.81 76.27
N LEU A 82 14.76 -5.32 77.17
CA LEU A 82 15.23 -4.73 78.41
C LEU A 82 15.19 -5.76 79.52
N MET A 83 16.33 -5.91 80.18
CA MET A 83 16.42 -6.73 81.37
C MET A 83 16.41 -5.79 82.57
N GLU A 84 15.27 -5.74 83.26
CA GLU A 84 15.02 -4.72 84.27
C GLU A 84 15.97 -4.85 85.45
N ASP A 85 16.49 -6.05 85.65
CA ASP A 85 17.38 -6.30 86.78
C ASP A 85 18.66 -5.48 86.72
N GLU A 86 19.43 -5.67 85.65
CA GLU A 86 20.71 -4.97 85.49
C GLU A 86 20.56 -3.72 84.63
N MET A 87 19.32 -3.39 84.28
CA MET A 87 19.03 -2.27 83.39
C MET A 87 19.86 -2.32 82.11
N LYS A 88 20.00 -3.52 81.54
CA LYS A 88 20.79 -3.69 80.33
C LYS A 88 19.87 -3.90 79.14
N LEU A 89 20.21 -3.26 78.03
CA LEU A 89 19.48 -3.45 76.77
C LEU A 89 20.12 -4.55 75.97
N LEU A 90 19.31 -5.48 75.48
CA LEU A 90 19.81 -6.56 74.64
C LEU A 90 19.28 -6.41 73.23
N PRO A 91 20.17 -6.14 72.27
CA PRO A 91 19.81 -5.94 70.87
C PRO A 91 19.42 -7.25 70.19
N ILE A 92 18.26 -7.27 69.57
CA ILE A 92 17.79 -8.46 68.90
C ILE A 92 17.56 -8.10 67.43
N GLU A 93 17.98 -9.00 66.55
CA GLU A 93 17.70 -8.86 65.12
C GLU A 93 16.96 -10.09 64.62
N VAL A 94 15.90 -9.87 63.86
CA VAL A 94 15.22 -10.99 63.21
C VAL A 94 15.21 -10.71 61.71
N GLU A 95 15.87 -11.56 60.93
CA GLU A 95 15.80 -11.39 59.48
C GLU A 95 14.52 -12.02 58.94
N ILE A 96 13.81 -11.26 58.11
CA ILE A 96 12.61 -11.77 57.45
C ILE A 96 12.95 -12.36 56.09
N ILE A 97 12.75 -13.67 55.96
CA ILE A 97 13.12 -14.37 54.74
C ILE A 97 12.03 -14.25 53.68
N ASP A 98 12.43 -13.83 52.49
CA ASP A 98 11.49 -13.69 51.38
C ASP A 98 10.93 -15.04 50.98
N ILE A 99 9.63 -15.12 50.74
CA ILE A 99 9.13 -16.30 50.07
C ILE A 99 8.55 -15.84 48.74
N ASN A 100 8.36 -16.81 47.86
CA ASN A 100 7.87 -16.49 46.53
C ASN A 100 6.37 -16.43 46.52
N ASP A 101 5.79 -15.37 47.07
CA ASP A 101 4.33 -15.26 47.11
C ASP A 101 3.78 -14.17 46.17
N ASN A 102 4.59 -13.79 45.19
CA ASN A 102 4.15 -12.82 44.20
C ASN A 102 4.48 -13.31 42.81
N THR A 103 3.55 -13.09 41.88
CA THR A 103 3.76 -13.38 40.46
C THR A 103 4.16 -12.11 39.72
N PRO A 104 5.09 -12.21 38.75
CA PRO A 104 5.38 -11.02 37.95
C PRO A 104 4.11 -10.44 37.32
N GLN A 105 3.91 -9.13 37.50
CA GLN A 105 2.73 -8.43 37.05
C GLN A 105 3.04 -7.48 35.90
N PHE A 106 2.10 -7.41 34.96
CA PHE A 106 2.12 -6.38 33.94
C PHE A 106 1.16 -5.31 34.40
N GLN A 107 1.31 -4.11 33.87
CA GLN A 107 0.50 -2.99 34.29
C GLN A 107 -0.72 -2.83 33.39
N LEU A 108 -0.93 -3.79 32.51
CA LEU A 108 -2.15 -3.86 31.69
C LEU A 108 -2.41 -5.32 31.31
N GLU A 109 -3.63 -5.63 30.92
CA GLU A 109 -3.98 -7.01 30.56
C GLU A 109 -3.81 -7.37 29.07
N GLU A 110 -4.15 -6.43 28.19
CA GLU A 110 -4.03 -6.71 26.76
C GLU A 110 -3.41 -5.55 26.02
N LEU A 111 -2.38 -5.87 25.24
CA LEU A 111 -1.71 -4.87 24.40
C LEU A 111 -2.29 -4.90 23.00
N GLU A 112 -2.79 -3.77 22.54
CA GLU A 112 -3.36 -3.71 21.19
C GLU A 112 -2.43 -2.96 20.25
N LEU A 113 -2.00 -3.65 19.20
CA LEU A 113 -1.10 -3.08 18.21
C LEU A 113 -1.75 -3.06 16.83
N LYS A 114 -1.40 -2.07 16.02
CA LYS A 114 -1.82 -2.00 14.63
C LYS A 114 -0.58 -1.94 13.76
N MET A 115 -0.49 -2.86 12.81
CA MET A 115 0.67 -2.95 11.92
C MET A 115 0.24 -3.20 10.47
N SER A 116 0.73 -2.35 9.58
CA SER A 116 0.48 -2.52 8.16
C SER A 116 1.02 -3.85 7.68
N GLU A 117 0.35 -4.48 6.71
CA GLU A 117 0.88 -5.74 6.21
C GLU A 117 2.20 -5.56 5.47
N ILE A 118 2.54 -4.31 5.14
CA ILE A 118 3.81 -4.05 4.47
C ILE A 118 4.95 -3.68 5.44
N THR A 119 4.70 -3.76 6.75
CA THR A 119 5.75 -3.55 7.75
C THR A 119 6.97 -4.41 7.40
N THR A 120 8.16 -3.81 7.41
CA THR A 120 9.35 -4.58 7.04
C THR A 120 9.83 -5.46 8.19
N PRO A 121 10.22 -6.69 7.86
CA PRO A 121 10.82 -7.56 8.88
C PRO A 121 11.97 -6.84 9.57
N GLY A 122 12.17 -7.08 10.85
CA GLY A 122 13.22 -6.42 11.58
C GLY A 122 12.65 -5.29 12.40
N THR A 123 11.43 -4.87 12.07
CA THR A 123 10.74 -3.84 12.84
C THR A 123 10.58 -4.33 14.28
N ARG A 124 10.93 -3.46 15.24
CA ARG A 124 11.00 -3.76 16.68
C ARG A 124 9.99 -2.96 17.46
N ILE A 125 9.23 -3.63 18.32
CA ILE A 125 8.29 -2.93 19.19
C ILE A 125 8.59 -3.28 20.65
N PRO A 126 8.74 -2.25 21.50
CA PRO A 126 9.05 -2.57 22.90
C PRO A 126 7.80 -3.01 23.66
N LEU A 127 7.98 -4.02 24.52
CA LEU A 127 6.88 -4.66 25.23
C LEU A 127 6.73 -4.14 26.66
N PRO A 128 5.51 -4.22 27.21
CA PRO A 128 5.29 -3.79 28.59
C PRO A 128 6.16 -4.60 29.54
N LEU A 129 6.66 -3.97 30.59
CA LEU A 129 7.52 -4.66 31.56
C LEU A 129 6.75 -5.52 32.55
N GLY A 130 7.32 -6.65 32.91
CA GLY A 130 6.80 -7.40 34.05
C GLY A 130 7.57 -6.98 35.29
N GLN A 131 6.88 -6.90 36.42
CA GLN A 131 7.48 -6.49 37.69
C GLN A 131 7.05 -7.46 38.81
N ASP A 132 8.02 -8.03 39.49
CA ASP A 132 7.79 -8.98 40.58
C ASP A 132 8.13 -8.35 41.94
N LEU A 133 7.18 -8.36 42.88
CA LEU A 133 7.37 -7.72 44.19
C LEU A 133 8.34 -8.45 45.10
N ASP A 134 8.60 -9.72 44.80
CA ASP A 134 9.56 -10.49 45.58
C ASP A 134 10.98 -10.02 45.28
N VAL A 135 11.97 -10.64 45.92
CA VAL A 135 13.35 -10.23 45.71
C VAL A 135 14.22 -11.43 45.36
N GLY A 136 15.42 -11.15 44.88
CA GLY A 136 16.38 -12.19 44.59
C GLY A 136 15.86 -13.17 43.57
N ILE A 137 16.06 -14.46 43.88
CA ILE A 137 15.71 -15.53 42.96
C ILE A 137 14.21 -15.52 42.67
N ASN A 138 13.44 -14.95 43.60
CA ASN A 138 11.98 -14.93 43.49
C ASN A 138 11.47 -13.79 42.64
N SER A 139 12.36 -12.94 42.15
CA SER A 139 11.91 -11.88 41.26
C SER A 139 12.01 -12.30 39.79
N LEU A 140 11.67 -11.36 38.91
CA LEU A 140 11.63 -11.60 37.47
C LEU A 140 12.95 -12.20 36.98
N GLN A 141 12.87 -13.34 36.30
CA GLN A 141 14.06 -13.95 35.71
C GLN A 141 13.98 -14.04 34.18
N SER A 142 12.79 -14.16 33.60
CA SER A 142 12.72 -14.30 32.14
C SER A 142 11.39 -13.89 31.53
N TYR A 143 11.42 -13.64 30.22
CA TYR A 143 10.22 -13.40 29.43
C TYR A 143 10.09 -14.50 28.39
N GLN A 144 8.86 -14.83 27.99
CA GLN A 144 8.62 -15.78 26.90
C GLN A 144 7.50 -15.28 26.01
N LEU A 145 7.71 -15.32 24.69
CA LEU A 145 6.65 -14.99 23.74
C LEU A 145 6.15 -16.28 23.13
N SER A 146 4.82 -16.43 23.03
CA SER A 146 4.28 -17.67 22.49
C SER A 146 4.80 -17.98 21.10
N ALA A 147 4.98 -19.26 20.83
CA ALA A 147 5.51 -19.72 19.55
C ALA A 147 4.59 -19.27 18.43
N ASN A 148 5.17 -18.79 17.34
CA ASN A 148 4.38 -18.28 16.23
C ASN A 148 5.28 -18.01 15.01
N PRO A 149 4.69 -18.00 13.81
CA PRO A 149 5.56 -17.86 12.61
C PRO A 149 6.04 -16.44 12.30
N HIS A 150 5.45 -15.40 12.87
CA HIS A 150 5.79 -14.04 12.43
C HIS A 150 6.63 -13.20 13.39
N PHE A 151 6.50 -13.40 14.69
CA PHE A 151 7.17 -12.54 15.67
C PHE A 151 8.04 -13.32 16.64
N SER A 152 9.17 -12.76 17.00
CA SER A 152 9.95 -13.34 18.09
C SER A 152 10.32 -12.30 19.13
N LEU A 153 10.79 -12.79 20.26
CA LEU A 153 11.12 -11.96 21.41
C LEU A 153 12.61 -11.66 21.46
N ASP A 154 12.95 -10.41 21.71
CA ASP A 154 14.35 -10.05 21.99
C ASP A 154 14.43 -9.44 23.37
N VAL A 155 15.51 -9.74 24.08
CA VAL A 155 15.64 -9.38 25.47
C VAL A 155 17.08 -8.97 25.77
N GLN A 156 17.24 -7.88 26.53
CA GLN A 156 18.59 -7.45 26.95
C GLN A 156 18.86 -8.08 28.30
N GLN A 157 19.94 -8.86 28.39
CA GLN A 157 20.27 -9.52 29.64
C GLN A 157 21.02 -8.52 30.52
N GLY A 158 20.31 -7.93 31.48
CA GLY A 158 20.88 -6.94 32.37
C GLY A 158 21.45 -7.50 33.67
N PRO A 159 21.81 -6.61 34.61
CA PRO A 159 22.45 -6.96 35.90
C PRO A 159 21.67 -7.97 36.75
N GLU A 160 20.45 -7.61 37.16
CA GLU A 160 19.69 -8.47 38.07
C GLU A 160 18.65 -9.32 37.35
N GLY A 161 18.40 -9.01 36.08
CA GLY A 161 17.44 -9.79 35.31
C GLY A 161 17.35 -9.29 33.88
N PRO A 162 16.35 -9.78 33.12
CA PRO A 162 16.11 -9.32 31.75
C PRO A 162 15.50 -7.93 31.72
N GLN A 163 15.91 -7.14 30.73
CA GLN A 163 15.40 -5.79 30.59
C GLN A 163 14.96 -5.54 29.16
N GLN A 164 14.15 -4.50 28.96
CA GLN A 164 13.73 -4.03 27.62
C GLN A 164 13.33 -5.15 26.65
N PRO A 165 12.27 -5.91 26.99
CA PRO A 165 11.81 -6.92 26.06
C PRO A 165 11.27 -6.29 24.78
N GLU A 166 11.54 -6.89 23.63
CA GLU A 166 11.01 -6.38 22.37
C GLU A 166 10.43 -7.48 21.49
N MET A 167 9.34 -7.15 20.79
CA MET A 167 8.77 -8.04 19.82
C MET A 167 9.26 -7.64 18.43
N VAL A 168 9.90 -8.58 17.73
CA VAL A 168 10.52 -8.27 16.46
C VAL A 168 9.86 -9.03 15.31
N LEU A 169 9.50 -8.33 14.24
CA LEU A 169 8.89 -8.98 13.07
C LEU A 169 9.95 -9.75 12.29
N GLN A 170 9.73 -11.04 12.11
CA GLN A 170 10.65 -11.93 11.37
C GLN A 170 10.19 -12.24 9.93
N ARG A 171 8.96 -12.73 9.77
CA ARG A 171 8.38 -13.01 8.45
C ARG A 171 7.32 -11.99 8.10
N PRO A 172 7.22 -11.61 6.81
CA PRO A 172 6.22 -10.65 6.36
C PRO A 172 4.78 -10.97 6.82
N LEU A 173 4.03 -9.95 7.20
CA LEU A 173 2.60 -10.07 7.42
C LEU A 173 1.81 -10.11 6.10
N ASP A 174 0.57 -10.59 6.15
CA ASP A 174 -0.31 -10.59 4.98
C ASP A 174 -1.76 -10.61 5.44
N ARG A 175 -2.42 -9.47 5.38
CA ARG A 175 -3.81 -9.37 5.83
C ARG A 175 -4.74 -10.34 5.08
N GLU A 176 -4.44 -10.64 3.82
CA GLU A 176 -5.29 -11.56 3.07
C GLU A 176 -5.11 -13.02 3.53
N LYS A 177 -4.09 -13.29 4.34
CA LYS A 177 -3.94 -14.62 4.96
C LYS A 177 -4.42 -14.56 6.41
N ASP A 178 -3.85 -13.64 7.17
CA ASP A 178 -4.25 -13.41 8.57
C ASP A 178 -4.46 -11.92 8.83
N ALA A 179 -5.70 -11.54 9.12
CA ALA A 179 -6.03 -10.14 9.41
C ALA A 179 -5.69 -9.73 10.85
N VAL A 180 -5.52 -10.73 11.71
CA VAL A 180 -5.23 -10.53 13.13
C VAL A 180 -4.29 -11.62 13.63
N HIS A 181 -3.42 -11.29 14.57
CA HIS A 181 -2.58 -12.29 15.21
C HIS A 181 -2.73 -12.14 16.72
N TYR A 182 -2.84 -13.26 17.42
CA TYR A 182 -2.94 -13.25 18.88
C TYR A 182 -1.75 -13.94 19.47
N LEU A 183 -1.10 -13.27 20.41
CA LEU A 183 0.08 -13.82 21.03
C LEU A 183 -0.01 -13.65 22.53
N VAL A 184 0.84 -14.37 23.22
CA VAL A 184 0.93 -14.27 24.67
C VAL A 184 2.37 -14.07 25.12
N LEU A 185 2.56 -13.03 25.94
CA LEU A 185 3.84 -12.82 26.58
C LEU A 185 3.73 -13.21 28.05
N THR A 186 4.61 -14.09 28.45
CA THR A 186 4.70 -14.43 29.87
C THR A 186 5.97 -13.82 30.48
N ALA A 187 5.86 -13.49 31.76
CA ALA A 187 7.01 -13.06 32.52
C ALA A 187 7.06 -13.92 33.78
N SER A 188 8.15 -14.68 33.93
CA SER A 188 8.29 -15.71 34.96
C SER A 188 9.37 -15.35 35.96
N ASP A 189 9.23 -15.79 37.21
CA ASP A 189 10.27 -15.53 38.19
C ASP A 189 11.13 -16.79 38.30
N GLY A 190 12.01 -16.85 39.30
CA GLY A 190 12.89 -18.00 39.41
C GLY A 190 12.62 -18.88 40.62
N GLY A 191 11.39 -18.85 41.13
CA GLY A 191 11.03 -19.66 42.28
C GLY A 191 10.85 -21.12 41.88
N SER A 192 10.47 -21.97 42.83
CA SER A 192 10.12 -23.35 42.52
C SER A 192 8.83 -23.73 43.27
N PRO A 193 7.73 -23.91 42.53
CA PRO A 193 7.69 -23.75 41.07
C PRO A 193 7.74 -22.29 40.65
N ILE A 194 7.95 -22.08 39.37
CA ILE A 194 8.00 -20.76 38.79
C ILE A 194 6.60 -20.16 38.71
N HIS A 195 6.46 -18.89 39.10
CA HIS A 195 5.26 -18.12 38.83
C HIS A 195 5.45 -17.36 37.54
N SER A 196 4.40 -17.30 36.73
CA SER A 196 4.44 -16.60 35.45
C SER A 196 3.24 -15.68 35.31
N GLY A 197 3.50 -14.40 35.06
CA GLY A 197 2.44 -13.44 34.77
C GLY A 197 2.16 -13.51 33.27
N THR A 198 1.02 -12.97 32.84
CA THR A 198 0.60 -13.11 31.45
C THR A 198 0.10 -11.81 30.87
N LEU A 199 0.51 -11.52 29.63
CA LEU A 199 0.01 -10.39 28.88
C LEU A 199 -0.54 -10.89 27.52
N GLN A 200 -1.78 -10.55 27.20
CA GLN A 200 -2.34 -10.89 25.89
C GLN A 200 -1.92 -9.83 24.89
N ILE A 201 -1.49 -10.25 23.70
CA ILE A 201 -1.11 -9.29 22.65
C ILE A 201 -2.02 -9.53 21.43
N HIS A 202 -2.53 -8.43 20.88
CA HIS A 202 -3.48 -8.47 19.76
C HIS A 202 -2.90 -7.60 18.66
N VAL A 203 -2.50 -8.22 17.55
CA VAL A 203 -2.01 -7.45 16.41
C VAL A 203 -3.08 -7.42 15.32
N GLN A 204 -3.54 -6.22 15.02
CA GLN A 204 -4.44 -5.98 13.91
C GLN A 204 -3.64 -5.62 12.65
N VAL A 205 -3.84 -6.37 11.57
CA VAL A 205 -3.05 -6.15 10.36
C VAL A 205 -3.75 -5.18 9.42
N VAL A 206 -3.08 -4.07 9.13
CA VAL A 206 -3.70 -3.00 8.35
C VAL A 206 -3.51 -3.27 6.85
N ASP A 207 -4.60 -3.10 6.11
CA ASP A 207 -4.59 -3.44 4.69
C ASP A 207 -3.68 -2.54 3.86
N VAL A 208 -3.02 -3.14 2.87
CA VAL A 208 -2.40 -2.38 1.77
C VAL A 208 -3.05 -2.84 0.46
N ASN A 209 -3.21 -1.94 -0.52
CA ASN A 209 -3.74 -2.39 -1.80
C ASN A 209 -2.65 -3.15 -2.52
N ASP A 210 -2.52 -4.43 -2.24
CA ASP A 210 -1.43 -5.19 -2.85
C ASP A 210 -1.92 -6.35 -3.71
N ASN A 211 -3.20 -6.34 -4.06
CA ASN A 211 -3.74 -7.31 -5.02
C ASN A 211 -4.51 -6.57 -6.09
N PRO A 212 -4.22 -6.87 -7.35
CA PRO A 212 -5.07 -6.37 -8.43
C PRO A 212 -6.38 -7.17 -8.49
N PRO A 213 -7.42 -6.59 -9.11
CA PRO A 213 -8.59 -7.44 -9.37
C PRO A 213 -8.23 -8.60 -10.31
N ALA A 214 -9.13 -9.56 -10.44
CA ALA A 214 -8.94 -10.65 -11.39
C ALA A 214 -10.26 -11.03 -12.00
N PHE A 215 -10.36 -10.94 -13.32
CA PHE A 215 -11.57 -11.36 -14.02
C PHE A 215 -11.79 -12.85 -13.90
N THR A 216 -13.05 -13.26 -13.94
CA THR A 216 -13.39 -14.68 -13.92
C THR A 216 -12.85 -15.44 -15.12
N LYS A 217 -12.74 -14.74 -16.26
CA LYS A 217 -12.22 -15.32 -17.50
C LYS A 217 -11.23 -14.36 -18.19
N ALA A 218 -10.28 -14.91 -18.94
CA ALA A 218 -9.43 -14.06 -19.79
C ALA A 218 -10.22 -13.54 -20.98
N GLU A 219 -11.22 -14.31 -21.42
CA GLU A 219 -11.98 -13.96 -22.61
C GLU A 219 -13.46 -14.25 -22.48
N TYR A 220 -14.29 -13.29 -22.85
CA TYR A 220 -15.73 -13.49 -22.83
C TYR A 220 -16.25 -13.51 -24.26
N HIS A 221 -16.82 -14.64 -24.67
CA HIS A 221 -17.36 -14.74 -26.01
C HIS A 221 -18.87 -14.66 -25.98
N VAL A 222 -19.44 -13.83 -26.85
CA VAL A 222 -20.88 -13.83 -26.96
C VAL A 222 -21.33 -13.79 -28.41
N SER A 223 -22.38 -14.54 -28.68
CA SER A 223 -22.96 -14.61 -29.99
C SER A 223 -24.30 -13.90 -29.89
N VAL A 224 -24.52 -12.93 -30.75
CA VAL A 224 -25.71 -12.11 -30.65
C VAL A 224 -26.50 -12.11 -31.96
N PRO A 225 -27.83 -12.13 -31.86
CA PRO A 225 -28.73 -12.06 -33.02
C PRO A 225 -28.55 -10.81 -33.89
N GLU A 226 -28.71 -10.96 -35.19
CA GLU A 226 -28.53 -9.87 -36.14
C GLU A 226 -29.43 -8.67 -35.84
N ASN A 227 -30.66 -8.94 -35.44
CA ASN A 227 -31.64 -7.88 -35.20
C ASN A 227 -31.95 -7.64 -33.72
N VAL A 228 -30.95 -7.77 -32.88
CA VAL A 228 -31.16 -7.52 -31.45
C VAL A 228 -31.50 -6.05 -31.17
N PRO A 229 -32.58 -5.83 -30.40
CA PRO A 229 -33.00 -4.48 -30.00
C PRO A 229 -31.95 -3.73 -29.20
N LEU A 230 -31.95 -2.40 -29.31
CA LEU A 230 -31.05 -1.59 -28.49
C LEU A 230 -31.31 -1.80 -27.01
N GLY A 231 -30.22 -1.75 -26.23
CA GLY A 231 -30.30 -1.80 -24.78
C GLY A 231 -30.37 -3.20 -24.22
N THR A 232 -30.27 -4.19 -25.09
CA THR A 232 -30.29 -5.59 -24.68
C THR A 232 -29.04 -5.99 -23.93
N ARG A 233 -29.21 -6.62 -22.77
CA ARG A 233 -28.11 -7.17 -22.00
C ARG A 233 -27.44 -8.31 -22.73
N LEU A 234 -26.14 -8.17 -23.02
CA LEU A 234 -25.45 -9.18 -23.81
C LEU A 234 -24.62 -10.10 -22.94
N LEU A 235 -24.16 -9.57 -21.82
CA LEU A 235 -23.08 -10.19 -21.07
C LEU A 235 -22.89 -9.51 -19.72
N LYS A 236 -22.55 -10.30 -18.72
CA LYS A 236 -22.11 -9.75 -17.43
C LYS A 236 -20.70 -10.22 -17.13
N VAL A 237 -19.77 -9.28 -17.00
CA VAL A 237 -18.42 -9.65 -16.61
C VAL A 237 -18.25 -9.48 -15.11
N ASN A 238 -17.24 -10.12 -14.54
CA ASN A 238 -16.99 -10.01 -13.11
C ASN A 238 -15.53 -10.19 -12.75
N ALA A 239 -15.05 -9.37 -11.83
CA ALA A 239 -13.70 -9.48 -11.29
C ALA A 239 -13.72 -9.41 -9.76
N THR A 240 -12.91 -10.25 -9.12
CA THR A 240 -12.86 -10.27 -7.66
C THR A 240 -11.55 -9.63 -7.21
N ASP A 241 -11.51 -9.20 -5.94
CA ASP A 241 -10.34 -8.50 -5.41
C ASP A 241 -10.33 -8.71 -3.88
N PRO A 242 -9.26 -9.32 -3.36
CA PRO A 242 -9.24 -9.77 -1.96
C PRO A 242 -8.83 -8.69 -0.95
N ASP A 243 -8.48 -7.51 -1.41
CA ASP A 243 -8.13 -6.43 -0.48
C ASP A 243 -9.39 -5.89 0.19
N GLU A 244 -9.19 -5.02 1.18
CA GLU A 244 -10.26 -4.56 2.07
C GLU A 244 -10.86 -3.23 1.63
N GLY A 245 -12.17 -3.10 1.78
CA GLY A 245 -12.82 -1.82 1.51
C GLY A 245 -12.62 -1.37 0.07
N ALA A 246 -12.30 -0.09 -0.09
CA ALA A 246 -12.08 0.51 -1.41
C ALA A 246 -11.00 -0.20 -2.19
N ASN A 247 -10.01 -0.75 -1.49
CA ASN A 247 -8.93 -1.50 -2.14
C ASN A 247 -9.39 -2.76 -2.87
N GLY A 248 -10.54 -3.30 -2.45
CA GLY A 248 -11.11 -4.51 -3.04
C GLY A 248 -12.40 -4.26 -3.83
N ARG A 249 -12.78 -2.99 -3.95
CA ARG A 249 -14.00 -2.62 -4.67
C ARG A 249 -13.69 -2.32 -6.13
N VAL A 250 -14.31 -3.07 -7.04
CA VAL A 250 -13.93 -2.95 -8.44
C VAL A 250 -15.01 -2.38 -9.34
N THR A 251 -14.57 -1.55 -10.27
CA THR A 251 -15.46 -0.99 -11.27
C THR A 251 -14.95 -1.38 -12.67
N TYR A 252 -15.84 -1.34 -13.65
CA TYR A 252 -15.54 -1.86 -14.97
C TYR A 252 -15.60 -0.79 -16.05
N SER A 253 -14.68 -0.86 -17.00
CA SER A 253 -14.71 0.06 -18.13
C SER A 253 -14.01 -0.52 -19.35
N PHE A 254 -14.24 0.08 -20.50
CA PHE A 254 -13.47 -0.22 -21.70
C PHE A 254 -12.10 0.41 -21.62
N HIS A 255 -11.06 -0.30 -22.05
CA HIS A 255 -9.82 0.36 -22.38
C HIS A 255 -10.06 1.16 -23.66
N LYS A 256 -9.38 2.29 -23.77
CA LYS A 256 -9.50 3.12 -24.94
C LYS A 256 -8.54 2.60 -25.99
N VAL A 257 -9.09 1.93 -26.99
CA VAL A 257 -8.29 1.32 -28.03
C VAL A 257 -8.85 1.75 -29.38
N ASP A 258 -9.95 1.13 -29.78
CA ASP A 258 -10.66 1.56 -30.99
C ASP A 258 -12.05 2.01 -30.61
N HIS A 259 -12.25 3.31 -30.50
CA HIS A 259 -13.52 3.84 -30.02
C HIS A 259 -14.67 3.59 -30.99
N SER A 260 -14.36 3.38 -32.27
CA SER A 260 -15.41 3.17 -33.25
C SER A 260 -16.15 1.86 -32.99
N VAL A 261 -15.47 0.92 -32.34
CA VAL A 261 -16.09 -0.35 -31.96
C VAL A 261 -16.86 -0.20 -30.65
N VAL A 262 -16.15 0.29 -29.63
CA VAL A 262 -16.67 0.42 -28.27
C VAL A 262 -17.87 1.36 -28.15
N ARG A 263 -17.96 2.35 -29.05
CA ARG A 263 -19.06 3.30 -29.01
C ARG A 263 -20.41 2.63 -29.28
N LYS A 264 -20.38 1.43 -29.87
CA LYS A 264 -21.62 0.69 -30.14
C LYS A 264 -22.14 0.00 -28.89
N PHE A 265 -21.39 0.08 -27.80
CA PHE A 265 -21.73 -0.67 -26.60
C PHE A 265 -21.74 0.17 -25.34
N GLN A 266 -22.28 -0.43 -24.27
CA GLN A 266 -22.37 0.20 -22.98
C GLN A 266 -21.93 -0.81 -21.91
N LEU A 267 -21.01 -0.39 -21.06
CA LEU A 267 -20.58 -1.24 -19.97
C LEU A 267 -20.88 -0.56 -18.65
N ASP A 268 -21.76 -1.17 -17.87
CA ASP A 268 -22.11 -0.62 -16.57
C ASP A 268 -20.92 -0.72 -15.63
N ALA A 269 -20.53 0.41 -15.07
CA ALA A 269 -19.31 0.50 -14.29
C ALA A 269 -19.39 -0.32 -13.01
N TYR A 270 -20.61 -0.55 -12.52
CA TYR A 270 -20.79 -1.23 -11.23
C TYR A 270 -21.17 -2.68 -11.37
N THR A 271 -22.08 -2.97 -12.28
CA THR A 271 -22.60 -4.33 -12.43
C THR A 271 -21.80 -5.16 -13.43
N GLY A 272 -21.08 -4.48 -14.32
CA GLY A 272 -20.32 -5.18 -15.35
C GLY A 272 -21.21 -5.69 -16.47
N GLU A 273 -22.43 -5.16 -16.55
CA GLU A 273 -23.34 -5.60 -17.59
C GLU A 273 -23.07 -4.87 -18.89
N LEU A 274 -22.84 -5.64 -19.95
CA LEU A 274 -22.55 -5.10 -21.27
C LEU A 274 -23.77 -5.16 -22.15
N SER A 275 -24.14 -4.03 -22.75
CA SER A 275 -25.29 -3.98 -23.64
C SER A 275 -24.97 -3.23 -24.92
N ASN A 276 -25.79 -3.45 -25.94
CA ASN A 276 -25.60 -2.76 -27.20
C ASN A 276 -26.28 -1.39 -27.13
N LYS A 277 -25.61 -0.38 -27.65
CA LYS A 277 -26.11 0.99 -27.59
C LYS A 277 -26.55 1.46 -28.98
N GLU A 278 -25.93 0.86 -30.00
CA GLU A 278 -26.23 1.18 -31.39
C GLU A 278 -26.50 -0.11 -32.15
N PRO A 279 -27.16 -0.03 -33.32
CA PRO A 279 -27.37 -1.23 -34.13
C PRO A 279 -26.07 -1.97 -34.43
N LEU A 280 -26.17 -3.30 -34.57
CA LEU A 280 -25.03 -4.12 -34.92
C LEU A 280 -25.21 -4.71 -36.34
N ASP A 281 -24.17 -4.65 -37.15
CA ASP A 281 -24.25 -5.17 -38.52
C ASP A 281 -23.70 -6.58 -38.63
N PHE A 282 -24.41 -7.45 -39.35
N PHE A 282 -24.44 -7.42 -39.35
CA PHE A 282 -23.87 -8.77 -39.63
CA PHE A 282 -23.98 -8.76 -39.72
C PHE A 282 -22.68 -8.62 -40.59
C PHE A 282 -23.26 -8.69 -41.07
N GLU A 283 -22.78 -7.60 -41.43
N GLU A 283 -21.94 -8.63 -41.02
CA GLU A 283 -21.74 -7.27 -42.39
CA GLU A 283 -21.13 -8.61 -42.22
C GLU A 283 -20.83 -6.20 -41.77
C GLU A 283 -20.06 -9.68 -42.09
N GLU A 284 -19.87 -5.70 -42.54
N GLU A 284 -20.27 -10.80 -42.78
CA GLU A 284 -18.91 -4.69 -42.08
CA GLU A 284 -19.45 -12.00 -42.63
C GLU A 284 -18.06 -5.15 -40.88
C GLU A 284 -19.53 -12.53 -41.20
N TYR A 285 -18.69 -5.88 -39.97
N TYR A 285 -18.65 -13.45 -40.85
CA TYR A 285 -18.02 -6.47 -38.81
CA TYR A 285 -18.63 -13.96 -39.49
C TYR A 285 -18.65 -7.80 -38.43
C TYR A 285 -17.51 -13.30 -38.67
N LYS A 286 -18.00 -8.91 -38.78
N LYS A 286 -17.42 -11.98 -38.81
CA LYS A 286 -18.43 -10.21 -38.28
CA LYS A 286 -16.40 -11.19 -38.10
C LYS A 286 -18.31 -10.20 -36.75
C LYS A 286 -16.79 -10.94 -36.65
N VAL A 287 -17.09 -9.99 -36.27
N VAL A 287 -15.81 -10.52 -35.86
CA VAL A 287 -16.82 -9.91 -34.84
CA VAL A 287 -16.04 -10.22 -34.45
C VAL A 287 -16.57 -8.47 -34.38
C VAL A 287 -15.87 -8.74 -34.13
N TYR A 288 -16.53 -8.30 -33.06
CA TYR A 288 -16.26 -7.01 -32.45
C TYR A 288 -15.41 -7.30 -31.21
N PRO A 289 -14.07 -7.26 -31.33
CA PRO A 289 -13.22 -7.47 -30.14
C PRO A 289 -13.08 -6.20 -29.33
N MET A 290 -13.12 -6.31 -28.01
CA MET A 290 -13.05 -5.14 -27.17
C MET A 290 -12.22 -5.47 -25.94
N GLU A 291 -11.32 -4.58 -25.56
CA GLU A 291 -10.55 -4.74 -24.33
C GLU A 291 -11.26 -4.10 -23.16
N ILE A 292 -11.42 -4.84 -22.08
CA ILE A 292 -12.06 -4.27 -20.91
C ILE A 292 -11.14 -4.30 -19.70
N GLN A 293 -11.52 -3.51 -18.71
CA GLN A 293 -10.66 -3.25 -17.59
C GLN A 293 -11.46 -3.34 -16.29
N ALA A 294 -10.86 -3.96 -15.29
CA ALA A 294 -11.42 -3.91 -13.94
C ALA A 294 -10.46 -3.11 -13.05
N GLN A 295 -10.95 -2.05 -12.43
CA GLN A 295 -10.12 -1.23 -11.55
C GLN A 295 -10.60 -1.35 -10.11
N ASP A 296 -9.67 -1.52 -9.17
CA ASP A 296 -10.05 -1.42 -7.76
C ASP A 296 -10.05 0.07 -7.39
N GLY A 297 -10.23 0.37 -6.11
CA GLY A 297 -10.38 1.76 -5.74
C GLY A 297 -9.07 2.49 -5.52
N ALA A 298 -7.94 1.86 -5.82
CA ALA A 298 -6.65 2.46 -5.48
C ALA A 298 -5.53 2.16 -6.49
N GLY A 299 -5.88 2.09 -7.76
CA GLY A 299 -4.90 2.10 -8.83
C GLY A 299 -4.34 0.76 -9.28
N LEU A 300 -4.99 -0.33 -8.93
CA LEU A 300 -4.59 -1.60 -9.52
C LEU A 300 -5.70 -2.04 -10.47
N MET A 301 -5.33 -2.85 -11.46
CA MET A 301 -6.24 -3.15 -12.56
C MET A 301 -6.01 -4.54 -13.12
N ALA A 302 -7.03 -5.05 -13.81
CA ALA A 302 -6.92 -6.32 -14.55
C ALA A 302 -7.59 -6.15 -15.88
N ARG A 303 -7.22 -7.00 -16.83
CA ARG A 303 -7.74 -6.92 -18.20
C ARG A 303 -8.46 -8.17 -18.64
N ALA A 304 -9.41 -8.01 -19.56
CA ALA A 304 -9.97 -9.14 -20.27
C ALA A 304 -10.34 -8.70 -21.68
N LYS A 305 -10.61 -9.66 -22.55
CA LYS A 305 -11.11 -9.36 -23.89
C LYS A 305 -12.56 -9.76 -24.01
N VAL A 306 -13.35 -8.95 -24.72
CA VAL A 306 -14.70 -9.36 -25.05
C VAL A 306 -14.79 -9.50 -26.55
N LEU A 307 -15.38 -10.61 -27.02
CA LEU A 307 -15.51 -10.85 -28.44
C LEU A 307 -16.96 -11.07 -28.79
N VAL A 308 -17.53 -10.12 -29.50
CA VAL A 308 -18.93 -10.22 -29.88
C VAL A 308 -19.04 -10.66 -31.33
N THR A 309 -19.71 -11.78 -31.57
CA THR A 309 -19.95 -12.23 -32.94
C THR A 309 -21.42 -12.02 -33.24
N VAL A 310 -21.69 -11.45 -34.41
CA VAL A 310 -23.04 -11.31 -34.89
C VAL A 310 -23.36 -12.50 -35.79
N LEU A 311 -24.47 -13.19 -35.50
CA LEU A 311 -24.83 -14.41 -36.21
C LEU A 311 -25.34 -14.15 -37.62
N ASN B 3 -9.09 -1.15 -74.85
CA ASN B 3 -9.35 -0.43 -73.61
C ASN B 3 -8.21 0.53 -73.24
N ILE B 4 -8.57 1.76 -72.91
CA ILE B 4 -7.60 2.81 -72.62
C ILE B 4 -7.47 3.09 -71.11
N ARG B 5 -6.24 3.08 -70.61
CA ARG B 5 -6.00 3.32 -69.18
C ARG B 5 -5.08 4.51 -68.94
N TYR B 6 -5.55 5.49 -68.17
CA TYR B 6 -4.72 6.60 -67.73
C TYR B 6 -4.54 6.56 -66.21
N SER B 7 -3.68 7.45 -65.71
CA SER B 7 -3.40 7.66 -64.29
C SER B 7 -3.37 9.12 -63.97
N VAL B 8 -3.74 9.45 -62.74
CA VAL B 8 -3.57 10.81 -62.26
C VAL B 8 -3.52 10.74 -60.74
N PRO B 9 -2.65 11.54 -60.12
CA PRO B 9 -2.68 11.61 -58.65
C PRO B 9 -3.93 12.35 -58.20
N GLU B 10 -4.48 11.94 -57.07
CA GLU B 10 -5.55 12.69 -56.45
C GLU B 10 -5.07 14.09 -56.13
N GLU B 11 -6.04 14.98 -55.94
CA GLU B 11 -5.83 16.35 -55.45
C GLU B 11 -5.06 17.28 -56.40
N THR B 12 -4.99 16.98 -57.70
CA THR B 12 -4.42 17.97 -58.60
C THR B 12 -5.34 19.19 -58.75
N ASP B 13 -4.80 20.30 -59.21
CA ASP B 13 -5.61 21.46 -59.54
C ASP B 13 -6.58 21.13 -60.66
N LYS B 14 -7.75 21.78 -60.66
CA LYS B 14 -8.72 21.64 -61.74
C LYS B 14 -8.06 21.95 -63.09
N GLY B 15 -8.35 21.13 -64.09
CA GLY B 15 -7.84 21.32 -65.43
C GLY B 15 -6.52 20.62 -65.69
N SER B 16 -6.03 19.86 -64.71
CA SER B 16 -4.81 19.07 -64.89
C SER B 16 -4.95 18.01 -65.99
N PHE B 17 -3.91 17.86 -66.80
CA PHE B 17 -3.89 16.93 -67.93
C PHE B 17 -3.91 15.48 -67.48
N VAL B 18 -4.79 14.70 -68.07
CA VAL B 18 -4.81 13.27 -67.80
C VAL B 18 -4.35 12.46 -69.00
N GLY B 19 -4.82 12.83 -70.19
CA GLY B 19 -4.46 12.05 -71.36
C GLY B 19 -5.08 12.58 -72.63
N SER B 20 -4.58 12.12 -73.76
CA SER B 20 -5.11 12.57 -75.03
C SER B 20 -5.78 11.41 -75.75
N ILE B 21 -7.10 11.50 -75.91
CA ILE B 21 -7.88 10.48 -76.59
C ILE B 21 -7.51 10.39 -78.05
N ALA B 22 -7.22 11.54 -78.66
CA ALA B 22 -6.85 11.59 -80.07
C ALA B 22 -5.57 10.82 -80.29
N LYS B 23 -4.62 11.02 -79.37
CA LYS B 23 -3.33 10.35 -79.43
C LYS B 23 -3.52 8.83 -79.40
N ASP B 24 -4.33 8.35 -78.46
CA ASP B 24 -4.50 6.91 -78.27
C ASP B 24 -5.49 6.30 -79.27
N LEU B 25 -6.09 7.13 -80.11
CA LEU B 25 -6.89 6.61 -81.20
C LEU B 25 -6.20 6.90 -82.54
N GLY B 26 -5.10 7.65 -82.47
CA GLY B 26 -4.34 8.01 -83.64
C GLY B 26 -5.12 8.89 -84.60
N LEU B 27 -5.82 9.88 -84.07
CA LEU B 27 -6.66 10.74 -84.91
C LEU B 27 -6.15 12.19 -84.90
N GLU B 28 -6.31 12.85 -86.05
CA GLU B 28 -5.95 14.26 -86.17
C GLU B 28 -7.15 15.16 -85.83
N THR B 29 -7.11 16.41 -86.28
CA THR B 29 -8.14 17.38 -85.94
C THR B 29 -9.45 17.09 -86.67
N ARG B 30 -9.39 17.08 -88.00
CA ARG B 30 -10.59 16.88 -88.78
C ARG B 30 -11.18 15.51 -88.43
N GLU B 31 -10.32 14.51 -88.33
CA GLU B 31 -10.73 13.15 -87.97
C GLU B 31 -11.46 13.09 -86.63
N LEU B 32 -10.87 13.68 -85.61
CA LEU B 32 -11.43 13.59 -84.26
C LEU B 32 -12.81 14.23 -84.22
N MET B 33 -12.92 15.41 -84.82
CA MET B 33 -14.14 16.18 -84.76
C MET B 33 -15.29 15.46 -85.46
N GLU B 34 -15.03 14.97 -86.68
CA GLU B 34 -16.06 14.32 -87.49
C GLU B 34 -16.74 13.15 -86.81
N ARG B 35 -16.01 12.40 -85.99
CA ARG B 35 -16.59 11.23 -85.37
C ARG B 35 -17.26 11.56 -84.03
N GLY B 36 -17.16 12.81 -83.61
CA GLY B 36 -17.98 13.31 -82.52
C GLY B 36 -17.91 12.58 -81.18
N ILE B 37 -16.82 12.77 -80.46
CA ILE B 37 -16.64 12.08 -79.20
C ILE B 37 -17.27 12.83 -78.01
N ARG B 38 -17.76 12.08 -77.03
CA ARG B 38 -18.18 12.67 -75.76
C ARG B 38 -18.28 11.62 -74.65
N ILE B 39 -18.10 12.07 -73.41
CA ILE B 39 -18.22 11.20 -72.25
C ILE B 39 -19.69 10.86 -72.06
N VAL B 40 -20.02 9.59 -71.85
CA VAL B 40 -21.36 9.23 -71.40
C VAL B 40 -21.43 9.38 -69.89
N SER B 41 -22.26 10.31 -69.43
CA SER B 41 -22.34 10.62 -68.00
C SER B 41 -22.89 9.47 -67.14
N ARG B 42 -22.11 9.07 -66.15
CA ARG B 42 -22.52 8.11 -65.13
C ARG B 42 -21.47 8.11 -64.03
N GLY B 43 -21.89 7.80 -62.80
CA GLY B 43 -20.98 7.69 -61.67
C GLY B 43 -20.09 8.91 -61.51
N ARG B 44 -18.77 8.69 -61.48
CA ARG B 44 -17.82 9.77 -61.21
C ARG B 44 -17.21 10.39 -62.46
N SER B 45 -17.83 10.16 -63.60
CA SER B 45 -17.31 10.68 -64.87
C SER B 45 -17.16 12.21 -64.86
N GLN B 46 -17.94 12.89 -64.00
CA GLN B 46 -17.92 14.35 -63.94
C GLN B 46 -16.64 14.85 -63.30
N LEU B 47 -15.81 13.93 -62.83
CA LEU B 47 -14.50 14.30 -62.34
C LEU B 47 -13.56 14.66 -63.49
N PHE B 48 -13.96 14.32 -64.71
CA PHE B 48 -13.14 14.55 -65.89
C PHE B 48 -13.87 15.34 -66.97
N SER B 49 -13.10 16.08 -67.76
CA SER B 49 -13.65 16.87 -68.84
C SER B 49 -12.92 16.51 -70.12
N LEU B 50 -13.69 16.20 -71.15
CA LEU B 50 -13.16 15.83 -72.43
C LEU B 50 -13.40 16.95 -73.44
N ASN B 51 -12.34 17.43 -74.06
CA ASN B 51 -12.46 18.43 -75.11
C ASN B 51 -12.71 17.71 -76.42
N PRO B 52 -13.87 17.96 -77.04
CA PRO B 52 -14.26 17.20 -78.24
C PRO B 52 -13.56 17.67 -79.51
N ARG B 53 -12.70 18.68 -79.38
CA ARG B 53 -12.00 19.23 -80.56
C ARG B 53 -10.55 18.80 -80.57
N SER B 54 -9.93 18.80 -79.39
CA SER B 54 -8.52 18.47 -79.23
C SER B 54 -8.34 17.06 -78.71
N GLY B 55 -9.37 16.54 -78.06
CA GLY B 55 -9.34 15.20 -77.52
C GLY B 55 -8.67 15.07 -76.18
N SER B 56 -8.29 16.19 -75.56
CA SER B 56 -7.66 16.15 -74.26
C SER B 56 -8.64 15.70 -73.18
N LEU B 57 -8.15 14.88 -72.26
CA LEU B 57 -8.87 14.55 -71.06
C LEU B 57 -8.19 15.23 -69.87
N VAL B 58 -8.92 16.10 -69.16
CA VAL B 58 -8.36 16.78 -67.99
C VAL B 58 -9.27 16.58 -66.77
N THR B 59 -8.80 16.94 -65.58
CA THR B 59 -9.63 16.84 -64.38
C THR B 59 -10.61 18.00 -64.38
N ALA B 60 -11.78 17.80 -63.77
CA ALA B 60 -12.83 18.81 -63.81
C ALA B 60 -13.16 19.38 -62.43
N GLY B 61 -12.65 18.73 -61.39
CA GLY B 61 -12.96 19.13 -60.03
C GLY B 61 -12.06 18.38 -59.08
N ARG B 62 -12.29 18.54 -57.78
CA ARG B 62 -11.45 17.89 -56.80
C ARG B 62 -11.60 16.38 -56.88
N ILE B 63 -10.47 15.70 -57.05
CA ILE B 63 -10.43 14.24 -56.95
C ILE B 63 -9.73 13.81 -55.66
N ASP B 64 -10.52 13.31 -54.72
CA ASP B 64 -10.01 12.86 -53.43
C ASP B 64 -10.14 11.36 -53.34
N ARG B 65 -9.00 10.66 -53.43
CA ARG B 65 -8.99 9.20 -53.38
C ARG B 65 -9.60 8.62 -52.12
N GLU B 66 -9.45 9.31 -50.99
CA GLU B 66 -10.00 8.83 -49.74
C GLU B 66 -11.52 8.80 -49.82
N GLU B 67 -12.10 9.86 -50.36
CA GLU B 67 -13.55 9.93 -50.54
C GLU B 67 -14.07 8.87 -51.49
N LEU B 68 -13.33 8.62 -52.56
CA LEU B 68 -13.79 7.73 -53.63
C LEU B 68 -13.65 6.25 -53.28
N CYS B 69 -12.54 5.88 -52.63
CA CYS B 69 -12.17 4.47 -52.50
C CYS B 69 -11.83 4.06 -51.05
N ALA B 70 -11.76 5.03 -50.14
CA ALA B 70 -11.36 4.79 -48.74
C ALA B 70 -10.13 3.90 -48.63
N GLN B 71 -10.28 2.71 -48.06
CA GLN B 71 -9.15 1.80 -47.87
C GLN B 71 -8.97 0.76 -48.97
N SER B 72 -9.91 0.70 -49.91
CA SER B 72 -9.79 -0.28 -50.99
C SER B 72 -8.73 0.13 -52.04
N THR B 73 -8.16 -0.87 -52.71
CA THR B 73 -7.05 -0.69 -53.65
C THR B 73 -7.20 -1.63 -54.85
N PRO B 74 -6.95 -1.15 -56.07
CA PRO B 74 -6.61 0.22 -56.46
C PRO B 74 -7.87 1.06 -56.61
N CYS B 75 -7.70 2.33 -56.94
CA CYS B 75 -8.81 3.25 -57.13
C CYS B 75 -8.94 3.62 -58.60
N VAL B 76 -9.96 3.08 -59.26
CA VAL B 76 -10.11 3.30 -60.70
C VAL B 76 -11.45 3.94 -61.01
N VAL B 77 -11.43 5.02 -61.80
CA VAL B 77 -12.66 5.62 -62.26
C VAL B 77 -12.93 5.19 -63.71
N SER B 78 -14.07 4.56 -63.94
CA SER B 78 -14.40 3.98 -65.25
C SER B 78 -15.55 4.71 -65.91
N PHE B 79 -15.43 4.96 -67.21
CA PHE B 79 -16.54 5.50 -67.97
C PHE B 79 -16.43 5.21 -69.46
N ASN B 80 -17.51 5.40 -70.18
CA ASN B 80 -17.46 5.23 -71.63
C ASN B 80 -17.40 6.54 -72.37
N ILE B 81 -16.67 6.54 -73.48
CA ILE B 81 -16.72 7.63 -74.42
C ILE B 81 -17.52 7.14 -75.63
N LEU B 82 -18.48 7.95 -76.03
CA LEU B 82 -19.31 7.65 -77.18
C LEU B 82 -18.74 8.32 -78.42
N MET B 83 -18.52 7.51 -79.45
CA MET B 83 -18.15 8.04 -80.75
C MET B 83 -19.41 7.97 -81.60
N GLU B 84 -20.05 9.12 -81.79
CA GLU B 84 -21.40 9.19 -82.36
C GLU B 84 -21.45 8.73 -83.81
N ASP B 85 -20.32 8.78 -84.49
CA ASP B 85 -20.26 8.37 -85.89
C ASP B 85 -20.59 6.89 -86.05
N GLU B 86 -19.83 6.03 -85.40
CA GLU B 86 -20.00 4.59 -85.55
C GLU B 86 -20.88 4.02 -84.45
N MET B 87 -21.41 4.90 -83.60
CA MET B 87 -22.19 4.50 -82.43
C MET B 87 -21.48 3.44 -81.59
N LYS B 88 -20.16 3.61 -81.44
CA LYS B 88 -19.35 2.66 -80.71
C LYS B 88 -18.98 3.22 -79.35
N LEU B 89 -19.02 2.36 -78.32
CA LEU B 89 -18.61 2.77 -76.98
C LEU B 89 -17.14 2.50 -76.76
N LEU B 90 -16.43 3.48 -76.24
CA LEU B 90 -15.01 3.35 -75.95
C LEU B 90 -14.81 3.38 -74.42
N PRO B 91 -14.35 2.27 -73.84
CA PRO B 91 -14.12 2.14 -72.39
C PRO B 91 -12.83 2.83 -71.93
N ILE B 92 -12.94 3.71 -70.95
CA ILE B 92 -11.77 4.39 -70.41
C ILE B 92 -11.66 4.14 -68.91
N GLU B 93 -10.44 3.91 -68.46
CA GLU B 93 -10.14 3.78 -67.04
C GLU B 93 -9.09 4.81 -66.65
N VAL B 94 -9.33 5.49 -65.53
CA VAL B 94 -8.35 6.40 -64.97
C VAL B 94 -8.04 5.93 -63.54
N GLU B 95 -6.81 5.51 -63.30
CA GLU B 95 -6.44 5.13 -61.93
C GLU B 95 -6.10 6.39 -61.15
N ILE B 96 -6.67 6.49 -59.96
CA ILE B 96 -6.38 7.59 -59.06
C ILE B 96 -5.25 7.20 -58.12
N ILE B 97 -4.10 7.87 -58.21
CA ILE B 97 -2.93 7.51 -57.44
C ILE B 97 -3.02 8.13 -56.04
N ASP B 98 -2.82 7.33 -55.01
CA ASP B 98 -2.81 7.86 -53.63
C ASP B 98 -1.62 8.77 -53.43
N ILE B 99 -1.84 9.91 -52.78
CA ILE B 99 -0.71 10.68 -52.30
C ILE B 99 -0.78 10.68 -50.78
N ASN B 100 0.31 11.02 -50.14
CA ASN B 100 0.32 10.97 -48.69
C ASN B 100 -0.22 12.27 -48.11
N ASP B 101 -1.54 12.48 -48.15
CA ASP B 101 -2.08 13.75 -47.62
C ASP B 101 -2.84 13.59 -46.31
N ASN B 102 -2.63 12.47 -45.63
CA ASN B 102 -3.25 12.25 -44.34
C ASN B 102 -2.22 11.77 -43.34
N THR B 103 -2.32 12.31 -42.13
CA THR B 103 -1.50 11.92 -40.99
C THR B 103 -2.26 10.92 -40.14
N PRO B 104 -1.58 9.88 -39.60
CA PRO B 104 -2.27 8.95 -38.69
C PRO B 104 -2.93 9.69 -37.53
N GLN B 105 -4.19 9.40 -37.30
CA GLN B 105 -4.99 10.08 -36.30
C GLN B 105 -5.34 9.17 -35.13
N PHE B 106 -5.33 9.74 -33.94
CA PHE B 106 -5.90 9.09 -32.77
C PHE B 106 -7.31 9.62 -32.59
N GLN B 107 -8.12 8.88 -31.86
CA GLN B 107 -9.53 9.24 -31.67
C GLN B 107 -9.71 10.05 -30.41
N LEU B 108 -8.61 10.39 -29.76
CA LEU B 108 -8.60 11.30 -28.62
C LEU B 108 -7.26 12.02 -28.54
N GLU B 109 -7.22 13.12 -27.80
CA GLU B 109 -6.00 13.91 -27.65
C GLU B 109 -5.10 13.53 -26.46
N GLU B 110 -5.70 13.19 -25.32
CA GLU B 110 -4.89 12.84 -24.16
C GLU B 110 -5.46 11.62 -23.44
N LEU B 111 -4.59 10.65 -23.15
CA LEU B 111 -4.95 9.45 -22.41
C LEU B 111 -4.58 9.62 -20.95
N GLU B 112 -5.57 9.51 -20.08
CA GLU B 112 -5.27 9.63 -18.65
C GLU B 112 -5.34 8.29 -17.95
N LEU B 113 -4.23 7.92 -17.34
CA LEU B 113 -4.12 6.64 -16.65
C LEU B 113 -3.83 6.88 -15.16
N LYS B 114 -4.31 5.96 -14.32
CA LYS B 114 -4.03 5.93 -12.89
C LYS B 114 -3.38 4.61 -12.57
N MET B 115 -2.20 4.64 -11.95
CA MET B 115 -1.48 3.42 -11.62
C MET B 115 -0.86 3.51 -10.23
N SER B 116 -1.15 2.52 -9.40
CA SER B 116 -0.55 2.44 -8.07
C SER B 116 0.97 2.36 -8.19
N GLU B 117 1.68 2.97 -7.26
CA GLU B 117 3.13 2.87 -7.27
C GLU B 117 3.60 1.44 -7.02
N ILE B 118 2.69 0.57 -6.56
CA ILE B 118 3.01 -0.83 -6.31
C ILE B 118 2.69 -1.75 -7.51
N THR B 119 2.22 -1.18 -8.61
CA THR B 119 1.98 -1.94 -9.85
C THR B 119 3.18 -2.81 -10.18
N THR B 120 2.95 -4.08 -10.50
CA THR B 120 4.02 -5.00 -10.83
CA THR B 120 4.04 -4.98 -10.82
C THR B 120 4.62 -4.71 -12.20
N PRO B 121 5.95 -4.61 -12.29
CA PRO B 121 6.57 -4.50 -13.61
C PRO B 121 6.12 -5.65 -14.50
N GLY B 122 5.97 -5.40 -15.79
CA GLY B 122 5.48 -6.41 -16.71
C GLY B 122 4.02 -6.15 -17.01
N THR B 123 3.39 -5.35 -16.16
CA THR B 123 2.00 -4.95 -16.34
C THR B 123 1.85 -4.24 -17.67
N ARG B 124 0.86 -4.67 -18.46
CA ARG B 124 0.62 -4.18 -19.82
C ARG B 124 -0.68 -3.44 -19.99
N ILE B 125 -0.62 -2.28 -20.62
CA ILE B 125 -1.81 -1.49 -20.90
C ILE B 125 -1.97 -1.25 -22.41
N PRO B 126 -3.13 -1.58 -22.98
CA PRO B 126 -3.31 -1.38 -24.43
C PRO B 126 -3.55 0.08 -24.74
N LEU B 127 -2.94 0.56 -25.82
CA LEU B 127 -2.97 1.97 -26.18
C LEU B 127 -3.98 2.25 -27.29
N PRO B 128 -4.48 3.51 -27.35
CA PRO B 128 -5.38 3.92 -28.43
C PRO B 128 -4.72 3.68 -29.78
N LEU B 129 -5.51 3.27 -30.77
CA LEU B 129 -5.03 3.00 -32.12
C LEU B 129 -4.84 4.26 -32.96
N GLY B 130 -3.81 4.26 -33.79
CA GLY B 130 -3.66 5.29 -34.81
C GLY B 130 -4.26 4.75 -36.10
N GLN B 131 -4.90 5.63 -36.88
CA GLN B 131 -5.51 5.25 -38.14
C GLN B 131 -5.19 6.27 -39.22
N ASP B 132 -4.64 5.80 -40.34
CA ASP B 132 -4.27 6.64 -41.47
C ASP B 132 -5.19 6.41 -42.69
N LEU B 133 -5.80 7.48 -43.20
CA LEU B 133 -6.79 7.37 -44.27
C LEU B 133 -6.16 7.04 -45.62
N ASP B 134 -4.86 7.25 -45.75
CA ASP B 134 -4.16 6.88 -46.98
C ASP B 134 -4.05 5.37 -47.07
N VAL B 135 -3.45 4.88 -48.16
CA VAL B 135 -3.30 3.45 -48.33
C VAL B 135 -1.86 3.07 -48.61
N GLY B 136 -1.59 1.76 -48.54
CA GLY B 136 -0.28 1.24 -48.84
C GLY B 136 0.79 1.86 -47.97
N ILE B 137 1.90 2.24 -48.59
CA ILE B 137 3.05 2.77 -47.86
C ILE B 137 2.67 4.05 -47.13
N ASN B 138 1.60 4.71 -47.58
CA ASN B 138 1.21 5.98 -46.98
C ASN B 138 0.34 5.84 -45.74
N SER B 139 -0.06 4.62 -45.39
CA SER B 139 -0.85 4.43 -44.18
C SER B 139 0.06 4.09 -43.01
N LEU B 140 -0.56 3.81 -41.86
CA LEU B 140 0.16 3.57 -40.62
C LEU B 140 1.25 2.51 -40.79
N GLN B 141 2.47 2.87 -40.42
CA GLN B 141 3.57 1.92 -40.47
C GLN B 141 4.21 1.62 -39.10
N SER B 142 4.20 2.58 -38.18
CA SER B 142 4.82 2.31 -36.88
C SER B 142 4.30 3.20 -35.76
N TYR B 143 4.56 2.76 -34.54
CA TYR B 143 4.31 3.54 -33.32
C TYR B 143 5.63 3.84 -32.61
N GLN B 144 5.70 4.95 -31.90
CA GLN B 144 6.86 5.27 -31.06
C GLN B 144 6.41 5.86 -29.74
N LEU B 145 6.99 5.38 -28.64
CA LEU B 145 6.76 5.95 -27.32
C LEU B 145 7.98 6.74 -26.87
N SER B 146 7.77 7.94 -26.34
CA SER B 146 8.88 8.77 -25.90
C SER B 146 9.70 8.07 -24.84
N ALA B 147 11.01 8.35 -24.85
CA ALA B 147 11.93 7.71 -23.94
C ALA B 147 11.52 7.98 -22.50
N ASN B 148 11.57 6.94 -21.67
CA ASN B 148 11.19 7.00 -20.26
C ASN B 148 11.67 5.72 -19.59
N PRO B 149 12.17 5.82 -18.35
CA PRO B 149 12.73 4.60 -17.74
C PRO B 149 11.66 3.63 -17.20
N HIS B 150 10.42 4.07 -17.14
CA HIS B 150 9.40 3.30 -16.47
C HIS B 150 8.53 2.53 -17.47
N PHE B 151 8.42 3.04 -18.69
CA PHE B 151 7.54 2.39 -19.67
C PHE B 151 8.21 2.09 -21.01
N SER B 152 7.86 0.96 -21.60
CA SER B 152 8.27 0.67 -22.97
C SER B 152 7.04 0.38 -23.82
N LEU B 153 7.23 0.41 -25.14
CA LEU B 153 6.14 0.17 -26.07
C LEU B 153 6.26 -1.22 -26.65
N ASP B 154 5.15 -1.96 -26.68
CA ASP B 154 5.18 -3.25 -27.35
C ASP B 154 4.18 -3.20 -28.49
N VAL B 155 4.54 -3.77 -29.64
CA VAL B 155 3.73 -3.66 -30.85
C VAL B 155 3.74 -4.98 -31.61
N GLN B 156 2.57 -5.40 -32.10
CA GLN B 156 2.45 -6.61 -32.92
C GLN B 156 2.58 -6.27 -34.40
N GLN B 157 3.50 -6.93 -35.09
CA GLN B 157 3.62 -6.69 -36.52
C GLN B 157 2.65 -7.58 -37.28
N GLY B 158 1.52 -7.00 -37.68
CA GLY B 158 0.49 -7.73 -38.38
C GLY B 158 0.71 -7.67 -39.87
N PRO B 159 -0.28 -8.16 -40.64
CA PRO B 159 -0.21 -8.22 -42.10
C PRO B 159 0.05 -6.87 -42.78
N GLU B 160 -0.86 -5.91 -42.63
CA GLU B 160 -0.76 -4.66 -43.37
C GLU B 160 -0.11 -3.52 -42.59
N GLY B 161 0.11 -3.74 -41.29
CA GLY B 161 0.78 -2.72 -40.49
C GLY B 161 0.97 -3.19 -39.06
N PRO B 162 1.41 -2.28 -38.17
CA PRO B 162 1.55 -2.62 -36.75
C PRO B 162 0.18 -2.66 -36.08
N GLN B 163 0.00 -3.59 -35.14
CA GLN B 163 -1.28 -3.73 -34.45
C GLN B 163 -1.10 -3.81 -32.94
N GLN B 164 -2.19 -3.53 -32.21
CA GLN B 164 -2.25 -3.68 -30.75
C GLN B 164 -1.04 -3.14 -30.00
N PRO B 165 -0.80 -1.82 -30.07
CA PRO B 165 0.29 -1.26 -29.28
C PRO B 165 0.00 -1.39 -27.80
N GLU B 166 1.02 -1.70 -27.00
CA GLU B 166 0.84 -1.78 -25.56
C GLU B 166 1.97 -1.06 -24.82
N MET B 167 1.59 -0.41 -23.73
CA MET B 167 2.56 0.21 -22.85
CA MET B 167 2.54 0.23 -22.85
C MET B 167 2.85 -0.76 -21.73
N VAL B 168 4.13 -1.05 -21.52
CA VAL B 168 4.55 -2.04 -20.54
C VAL B 168 5.40 -1.41 -19.44
N LEU B 169 5.04 -1.67 -18.18
CA LEU B 169 5.81 -1.14 -17.06
C LEU B 169 7.13 -1.87 -16.91
N GLN B 170 8.24 -1.13 -16.95
CA GLN B 170 9.56 -1.73 -16.78
C GLN B 170 10.19 -1.50 -15.40
N ARG B 171 10.40 -0.25 -15.02
CA ARG B 171 10.99 0.04 -13.72
C ARG B 171 9.85 0.42 -12.79
N PRO B 172 9.88 -0.06 -11.53
CA PRO B 172 8.84 0.24 -10.55
C PRO B 172 8.55 1.72 -10.49
N LEU B 173 7.29 2.07 -10.31
CA LEU B 173 6.93 3.44 -10.01
C LEU B 173 7.25 3.80 -8.56
N ASP B 174 7.31 5.10 -8.27
CA ASP B 174 7.53 5.58 -6.91
C ASP B 174 6.95 6.97 -6.79
N ARG B 175 5.75 7.08 -6.23
CA ARG B 175 5.10 8.39 -6.10
C ARG B 175 5.95 9.39 -5.29
N GLU B 176 6.78 8.92 -4.35
CA GLU B 176 7.64 9.83 -3.59
C GLU B 176 8.80 10.40 -4.43
N LYS B 177 9.03 9.83 -5.61
CA LYS B 177 10.00 10.39 -6.57
C LYS B 177 9.27 11.17 -7.66
N ASP B 178 8.34 10.49 -8.33
CA ASP B 178 7.53 11.11 -9.37
C ASP B 178 6.05 10.78 -9.17
N ALA B 179 5.24 11.79 -8.90
CA ALA B 179 3.82 11.58 -8.69
C ALA B 179 3.06 11.48 -10.01
N VAL B 180 3.69 11.94 -11.09
CA VAL B 180 3.09 11.94 -12.43
C VAL B 180 4.17 11.67 -13.49
N HIS B 181 3.78 11.02 -14.58
CA HIS B 181 4.65 10.87 -15.73
C HIS B 181 3.91 11.30 -17.01
N TYR B 182 4.59 12.04 -17.86
CA TYR B 182 4.04 12.47 -19.12
C TYR B 182 4.84 11.86 -20.24
N LEU B 183 4.13 11.22 -21.17
CA LEU B 183 4.75 10.56 -22.29
C LEU B 183 4.02 10.95 -23.55
N VAL B 184 4.65 10.68 -24.68
CA VAL B 184 4.04 10.93 -25.97
C VAL B 184 4.14 9.68 -26.85
N LEU B 185 2.99 9.28 -27.37
CA LEU B 185 2.92 8.20 -28.34
C LEU B 185 2.70 8.83 -29.70
N THR B 186 3.56 8.47 -30.64
CA THR B 186 3.38 8.90 -32.02
C THR B 186 3.03 7.72 -32.88
N ALA B 187 2.23 7.98 -33.91
CA ALA B 187 1.88 6.97 -34.89
C ALA B 187 2.22 7.53 -36.27
N SER B 188 3.11 6.85 -36.98
CA SER B 188 3.69 7.36 -38.21
C SER B 188 3.35 6.51 -39.42
N ASP B 189 3.29 7.14 -40.59
CA ASP B 189 3.07 6.43 -41.83
C ASP B 189 4.43 6.20 -42.47
N GLY B 190 4.44 5.76 -43.73
CA GLY B 190 5.68 5.48 -44.42
C GLY B 190 5.94 6.41 -45.58
N GLY B 191 5.39 7.61 -45.53
CA GLY B 191 5.57 8.54 -46.62
C GLY B 191 6.95 9.16 -46.58
N SER B 192 7.23 10.05 -47.52
CA SER B 192 8.47 10.82 -47.49
C SER B 192 8.17 12.28 -47.77
N PRO B 193 8.26 13.13 -46.72
CA PRO B 193 8.63 12.74 -45.37
C PRO B 193 7.52 11.98 -44.65
N ILE B 194 7.84 11.41 -43.51
CA ILE B 194 6.87 10.70 -42.72
C ILE B 194 5.93 11.67 -42.00
N HIS B 195 4.63 11.38 -42.02
CA HIS B 195 3.70 12.07 -41.14
C HIS B 195 3.54 11.29 -39.86
N SER B 196 3.46 12.01 -38.74
CA SER B 196 3.28 11.40 -37.44
C SER B 196 2.16 12.06 -36.65
N GLY B 197 1.18 11.28 -36.23
CA GLY B 197 0.14 11.78 -35.34
C GLY B 197 0.64 11.63 -33.92
N THR B 198 0.01 12.32 -32.98
CA THR B 198 0.52 12.39 -31.62
C THR B 198 -0.58 12.19 -30.61
N LEU B 199 -0.26 11.40 -29.58
CA LEU B 199 -1.13 11.19 -28.44
C LEU B 199 -0.38 11.53 -27.14
N GLN B 200 -0.94 12.43 -26.33
CA GLN B 200 -0.35 12.74 -25.02
C GLN B 200 -0.84 11.69 -24.02
N ILE B 201 0.06 11.18 -23.19
CA ILE B 201 -0.27 10.24 -22.12
C ILE B 201 0.12 10.84 -20.75
N HIS B 202 -0.80 10.72 -19.79
CA HIS B 202 -0.66 11.30 -18.45
C HIS B 202 -0.87 10.14 -17.49
N VAL B 203 0.19 9.72 -16.82
CA VAL B 203 0.10 8.67 -15.83
C VAL B 203 0.17 9.30 -14.44
N GLN B 204 -0.91 9.14 -13.70
CA GLN B 204 -0.97 9.58 -12.33
C GLN B 204 -0.61 8.42 -11.40
N VAL B 205 0.39 8.63 -10.54
CA VAL B 205 0.88 7.55 -9.70
C VAL B 205 0.16 7.57 -8.35
N VAL B 206 -0.54 6.48 -8.05
CA VAL B 206 -1.37 6.42 -6.88
C VAL B 206 -0.57 5.98 -5.65
N ASP B 207 -0.77 6.69 -4.55
CA ASP B 207 0.04 6.46 -3.36
C ASP B 207 -0.24 5.12 -2.70
N VAL B 208 0.83 4.53 -2.19
CA VAL B 208 0.75 3.39 -1.26
C VAL B 208 1.43 3.84 0.04
N ASN B 209 0.95 3.36 1.19
CA ASN B 209 1.65 3.70 2.43
C ASN B 209 2.92 2.89 2.50
N ASP B 210 3.99 3.36 1.89
CA ASP B 210 5.17 2.52 1.87
C ASP B 210 6.36 3.18 2.53
N ASN B 211 6.08 4.24 3.29
CA ASN B 211 7.08 4.87 4.12
C ASN B 211 6.60 5.03 5.55
N PRO B 212 7.40 4.58 6.51
CA PRO B 212 7.16 4.87 7.92
C PRO B 212 7.51 6.31 8.22
N PRO B 213 6.97 6.87 9.30
CA PRO B 213 7.47 8.18 9.72
C PRO B 213 8.94 8.09 10.14
N ALA B 214 9.57 9.23 10.35
CA ALA B 214 10.95 9.24 10.87
C ALA B 214 11.10 10.42 11.79
N PHE B 215 11.49 10.17 13.04
CA PHE B 215 11.73 11.25 14.00
C PHE B 215 12.93 12.08 13.59
N THR B 216 12.91 13.35 13.96
CA THR B 216 14.04 14.25 13.70
C THR B 216 15.30 13.78 14.43
N LYS B 217 15.14 13.14 15.59
CA LYS B 217 16.26 12.60 16.36
C LYS B 217 15.96 11.19 16.90
N ALA B 218 16.98 10.38 17.10
CA ALA B 218 16.79 9.09 17.76
C ALA B 218 16.54 9.29 19.25
N GLU B 219 17.10 10.34 19.81
CA GLU B 219 17.00 10.58 21.27
C GLU B 219 16.79 12.04 21.57
N TYR B 220 15.82 12.31 22.44
CA TYR B 220 15.54 13.67 22.89
C TYR B 220 15.90 13.76 24.37
N HIS B 221 16.87 14.61 24.70
CA HIS B 221 17.27 14.78 26.11
C HIS B 221 16.74 16.06 26.68
N VAL B 222 16.19 16.01 27.87
CA VAL B 222 15.84 17.26 28.52
C VAL B 222 16.15 17.20 30.04
N SER B 223 16.62 18.33 30.54
CA SER B 223 16.92 18.50 31.95
C SER B 223 15.94 19.46 32.57
N VAL B 224 15.31 19.05 33.65
CA VAL B 224 14.28 19.87 34.22
C VAL B 224 14.58 20.18 35.69
N PRO B 225 14.27 21.41 36.13
CA PRO B 225 14.38 21.81 37.53
C PRO B 225 13.51 20.99 38.49
N GLU B 226 14.00 20.76 39.70
CA GLU B 226 13.27 19.96 40.68
C GLU B 226 11.86 20.50 40.93
N ASN B 227 11.71 21.82 40.90
CA ASN B 227 10.43 22.44 41.21
C ASN B 227 9.68 22.93 39.98
N VAL B 228 9.82 22.22 38.88
CA VAL B 228 9.14 22.62 37.66
C VAL B 228 7.63 22.50 37.90
N PRO B 229 6.88 23.56 37.56
CA PRO B 229 5.42 23.54 37.71
C PRO B 229 4.77 22.44 36.88
N LEU B 230 3.67 21.87 37.36
CA LEU B 230 2.92 20.90 36.55
C LEU B 230 2.44 21.59 35.29
N GLY B 231 2.43 20.89 34.15
CA GLY B 231 1.89 21.46 32.92
C GLY B 231 2.88 22.27 32.10
N THR B 232 4.14 22.25 32.50
CA THR B 232 5.20 22.92 31.73
C THR B 232 5.55 22.16 30.45
N ARG B 233 5.62 22.89 29.34
CA ARG B 233 6.08 22.32 28.08
C ARG B 233 7.57 22.01 28.20
N LEU B 234 7.95 20.75 28.05
CA LEU B 234 9.34 20.36 28.26
C LEU B 234 10.10 20.22 26.96
N LEU B 235 9.38 19.86 25.91
CA LEU B 235 9.99 19.33 24.71
C LEU B 235 8.93 19.20 23.63
N LYS B 236 9.30 19.45 22.39
CA LYS B 236 8.38 19.14 21.29
C LYS B 236 9.12 18.16 20.37
N VAL B 237 8.54 16.98 20.15
CA VAL B 237 9.15 16.04 19.20
C VAL B 237 8.50 16.18 17.83
N ASN B 238 9.17 15.66 16.81
CA ASN B 238 8.64 15.76 15.45
C ASN B 238 9.06 14.60 14.58
N ALA B 239 8.12 14.11 13.79
CA ALA B 239 8.40 13.06 12.80
C ALA B 239 7.81 13.43 11.45
N THR B 240 8.55 13.16 10.38
CA THR B 240 8.04 13.45 9.04
C THR B 240 7.72 12.15 8.30
N ASP B 241 6.88 12.25 7.26
CA ASP B 241 6.44 11.08 6.53
C ASP B 241 6.07 11.53 5.12
N PRO B 242 6.73 10.96 4.11
CA PRO B 242 6.58 11.46 2.73
C PRO B 242 5.36 10.95 1.97
N ASP B 243 4.61 10.02 2.53
CA ASP B 243 3.44 9.50 1.83
C ASP B 243 2.36 10.56 1.82
N GLU B 244 1.30 10.31 1.06
CA GLU B 244 0.26 11.30 0.79
C GLU B 244 -0.94 11.20 1.72
N GLY B 245 -1.51 12.34 2.11
CA GLY B 245 -2.73 12.32 2.90
C GLY B 245 -2.54 11.62 4.23
N ALA B 246 -3.51 10.77 4.58
CA ALA B 246 -3.46 10.04 5.85
C ALA B 246 -2.22 9.19 5.99
N ASN B 247 -1.72 8.67 4.87
CA ASN B 247 -0.51 7.84 4.87
C ASN B 247 0.73 8.58 5.38
N GLY B 248 0.70 9.91 5.30
CA GLY B 248 1.80 10.74 5.76
C GLY B 248 1.50 11.60 6.99
N ARG B 249 0.29 11.45 7.54
CA ARG B 249 -0.11 12.26 8.70
C ARG B 249 0.26 11.51 9.99
N VAL B 250 1.16 12.08 10.80
CA VAL B 250 1.63 11.32 11.95
C VAL B 250 1.05 11.79 13.27
N THR B 251 0.92 10.86 14.21
CA THR B 251 0.51 11.18 15.55
C THR B 251 1.51 10.56 16.52
N TYR B 252 1.56 11.11 17.73
CA TYR B 252 2.60 10.76 18.69
C TYR B 252 2.01 10.11 19.94
N SER B 253 2.70 9.12 20.48
CA SER B 253 2.24 8.48 21.72
C SER B 253 3.40 7.84 22.43
N PHE B 254 3.21 7.52 23.72
CA PHE B 254 4.17 6.68 24.43
C PHE B 254 3.98 5.23 24.03
N HIS B 255 5.07 4.51 23.85
CA HIS B 255 4.96 3.06 23.86
C HIS B 255 4.64 2.63 25.29
N LYS B 256 3.90 1.53 25.42
CA LYS B 256 3.57 0.99 26.74
C LYS B 256 4.70 0.09 27.20
N VAL B 257 5.51 0.60 28.12
CA VAL B 257 6.68 -0.12 28.59
C VAL B 257 6.64 -0.12 30.10
N ASP B 258 7.04 1.00 30.70
CA ASP B 258 6.94 1.14 32.14
C ASP B 258 5.99 2.27 32.47
N HIS B 259 4.74 1.93 32.78
CA HIS B 259 3.74 2.97 32.97
C HIS B 259 4.02 3.83 34.21
N SER B 260 4.80 3.30 35.15
CA SER B 260 5.06 4.06 36.37
C SER B 260 5.90 5.29 36.04
N VAL B 261 6.65 5.24 34.96
CA VAL B 261 7.42 6.39 34.51
C VAL B 261 6.58 7.32 33.64
N VAL B 262 5.98 6.74 32.60
CA VAL B 262 5.24 7.47 31.59
C VAL B 262 4.02 8.20 32.17
N ARG B 263 3.46 7.69 33.26
CA ARG B 263 2.28 8.33 33.86
C ARG B 263 2.57 9.73 34.37
N LYS B 264 3.84 10.05 34.61
CA LYS B 264 4.21 11.38 35.10
C LYS B 264 4.23 12.42 33.97
N PHE B 265 3.98 11.99 32.73
CA PHE B 265 4.09 12.89 31.59
C PHE B 265 2.88 12.85 30.66
N GLN B 266 2.82 13.85 29.78
CA GLN B 266 1.73 13.98 28.82
C GLN B 266 2.37 14.27 27.47
N LEU B 267 1.99 13.51 26.47
CA LEU B 267 2.49 13.75 25.12
C LEU B 267 1.30 14.03 24.23
N ASP B 268 1.25 15.24 23.69
CA ASP B 268 0.17 15.64 22.78
C ASP B 268 0.25 14.87 21.48
N ALA B 269 -0.86 14.21 21.13
CA ALA B 269 -0.89 13.31 20.02
C ALA B 269 -0.68 14.01 18.69
N TYR B 270 -1.03 15.29 18.60
CA TYR B 270 -0.98 16.01 17.33
C TYR B 270 0.26 16.89 17.22
N THR B 271 0.59 17.61 18.28
CA THR B 271 1.70 18.57 18.24
C THR B 271 3.03 17.96 18.65
N GLY B 272 3.01 16.85 19.38
CA GLY B 272 4.24 16.24 19.84
C GLY B 272 4.86 16.94 21.05
N GLU B 273 4.07 17.78 21.71
CA GLU B 273 4.56 18.49 22.90
C GLU B 273 4.48 17.62 24.13
N LEU B 274 5.62 17.50 24.81
CA LEU B 274 5.74 16.72 26.02
C LEU B 274 5.71 17.63 27.24
N SER B 275 4.84 17.32 28.20
CA SER B 275 4.76 18.10 29.43
C SER B 275 4.69 17.18 30.64
N ASN B 276 5.02 17.74 31.81
CA ASN B 276 4.96 16.95 33.04
C ASN B 276 3.57 16.99 33.63
N LYS B 277 3.10 15.82 34.08
CA LYS B 277 1.73 15.69 34.57
C LYS B 277 1.70 15.45 36.08
N GLU B 278 2.75 14.84 36.60
CA GLU B 278 2.85 14.51 38.02
C GLU B 278 4.19 14.96 38.57
N PRO B 279 4.27 15.15 39.90
CA PRO B 279 5.56 15.53 40.48
C PRO B 279 6.68 14.54 40.12
N LEU B 280 7.89 15.07 39.97
CA LEU B 280 9.06 14.25 39.67
C LEU B 280 10.01 14.22 40.87
N ASP B 281 10.54 13.04 41.18
CA ASP B 281 11.45 12.88 42.31
C ASP B 281 12.92 12.95 41.89
N PHE B 282 13.73 13.71 42.63
N PHE B 282 13.69 13.76 42.62
CA PHE B 282 15.16 13.72 42.40
CA PHE B 282 15.12 13.91 42.38
C PHE B 282 15.80 12.40 42.82
C PHE B 282 15.91 12.96 43.27
N GLU B 283 15.21 11.74 43.82
N GLU B 283 16.45 11.91 42.67
CA GLU B 283 15.73 10.47 44.34
CA GLU B 283 17.31 10.98 43.39
C GLU B 283 15.13 9.23 43.68
C GLU B 283 18.62 10.84 42.65
N GLU B 284 13.82 9.06 43.81
N GLU B 284 19.59 11.68 43.02
CA GLU B 284 13.11 7.90 43.27
CA GLU B 284 20.85 11.81 42.32
C GLU B 284 13.46 7.66 41.81
C GLU B 284 20.58 12.16 40.85
N TYR B 285 13.69 8.74 41.07
N TYR B 285 21.54 11.97 39.96
CA TYR B 285 14.12 8.63 39.69
CA TYR B 285 21.31 12.41 38.59
C TYR B 285 15.05 9.80 39.33
C TYR B 285 20.99 11.25 37.63
N LYS B 286 16.36 9.54 39.28
N LYS B 286 19.97 10.47 38.00
CA LYS B 286 17.30 10.53 38.77
CA LYS B 286 19.44 9.41 37.15
C LYS B 286 16.93 10.87 37.32
C LYS B 286 18.37 9.95 36.19
N VAL B 287 16.95 9.87 36.46
N VAL B 287 17.83 9.08 35.33
CA VAL B 287 16.54 10.04 35.08
CA VAL B 287 16.94 9.50 34.25
C VAL B 287 15.15 9.40 34.86
C VAL B 287 15.51 8.95 34.32
N TYR B 288 14.58 9.65 33.70
CA TYR B 288 13.27 9.09 33.33
C TYR B 288 13.35 8.75 31.85
N PRO B 289 13.74 7.50 31.51
CA PRO B 289 13.78 7.12 30.10
C PRO B 289 12.41 6.68 29.61
N MET B 290 12.03 7.11 28.40
CA MET B 290 10.70 6.79 27.89
C MET B 290 10.77 6.48 26.41
N GLU B 291 10.10 5.43 25.97
CA GLU B 291 10.05 5.12 24.55
C GLU B 291 8.86 5.80 23.92
N ILE B 292 9.07 6.54 22.83
CA ILE B 292 7.92 7.16 22.17
C ILE B 292 7.77 6.67 20.73
N GLN B 293 6.62 6.96 20.15
CA GLN B 293 6.21 6.37 18.90
C GLN B 293 5.58 7.44 18.02
N ALA B 294 5.90 7.40 16.72
CA ALA B 294 5.18 8.19 15.71
C ALA B 294 4.46 7.23 14.77
N GLN B 295 3.14 7.39 14.64
CA GLN B 295 2.35 6.53 13.78
C GLN B 295 1.75 7.33 12.62
N ASP B 296 1.83 6.80 11.42
CA ASP B 296 1.09 7.46 10.34
C ASP B 296 -0.37 6.97 10.36
N GLY B 297 -1.15 7.34 9.36
CA GLY B 297 -2.57 7.04 9.42
C GLY B 297 -2.91 5.64 8.94
N ALA B 298 -1.91 4.81 8.67
CA ALA B 298 -2.19 3.51 8.04
C ALA B 298 -1.23 2.40 8.46
N GLY B 299 -0.80 2.45 9.72
CA GLY B 299 -0.13 1.32 10.34
C GLY B 299 1.36 1.21 10.22
N LEU B 300 2.03 2.30 9.88
CA LEU B 300 3.49 2.28 9.97
C LEU B 300 3.91 3.23 11.08
N MET B 301 5.07 2.97 11.65
CA MET B 301 5.47 3.69 12.86
C MET B 301 6.96 3.85 12.91
N ALA B 302 7.40 4.81 13.71
CA ALA B 302 8.83 4.98 14.00
C ALA B 302 8.99 5.19 15.49
N ARG B 303 10.20 4.95 16.00
CA ARG B 303 10.46 5.07 17.43
C ARG B 303 11.55 6.08 17.75
N ALA B 304 11.47 6.65 18.94
CA ALA B 304 12.56 7.43 19.49
C ALA B 304 12.55 7.27 21.02
N LYS B 305 13.61 7.71 21.67
CA LYS B 305 13.69 7.75 23.14
C LYS B 305 13.64 9.16 23.70
N VAL B 306 12.97 9.32 24.82
CA VAL B 306 13.07 10.58 25.55
C VAL B 306 13.75 10.30 26.88
N LEU B 307 14.72 11.11 27.24
CA LEU B 307 15.42 10.93 28.51
C LEU B 307 15.33 12.21 29.31
N VAL B 308 14.58 12.17 30.40
CA VAL B 308 14.38 13.35 31.24
C VAL B 308 15.23 13.22 32.50
N THR B 309 16.07 14.21 32.72
CA THR B 309 16.89 14.29 33.94
C THR B 309 16.41 15.43 34.82
N VAL B 310 16.28 15.14 36.11
CA VAL B 310 15.94 16.15 37.11
C VAL B 310 17.22 16.70 37.72
N LEU B 311 17.36 18.02 37.72
CA LEU B 311 18.57 18.68 38.26
C LEU B 311 18.62 18.72 39.79
CA CA C . -7.01 -4.48 -4.73
CA CA D . -4.12 -6.25 1.05
CA CA E . -1.38 -9.07 1.26
CA CA F . 7.71 -12.34 49.04
CA CA G . 7.88 -13.97 42.54
CA CA H . 4.58 -11.21 51.18
CA CA I . -0.56 8.96 -44.46
CA CA J . -4.35 10.08 -49.86
CA CA K . -7.05 12.98 -50.41
CA CA L . 3.55 6.67 5.78
CA CA M . 3.95 6.27 -0.91
CA CA N . 7.11 5.04 -2.78
#